data_2OAF
#
_entry.id   2OAF
#
_cell.length_a   68.412
_cell.length_b   68.412
_cell.length_c   260.002
_cell.angle_alpha   90.000
_cell.angle_beta   90.000
_cell.angle_gamma   120.000
#
_symmetry.space_group_name_H-M   'P 61 2 2'
#
loop_
_entity.id
_entity.type
_entity.pdbx_description
1 polymer 'Thioesterase superfamily'
2 non-polymer 'PHOSPHATE ION'
3 non-polymer 'CHLORIDE ION'
4 non-polymer 'CITRIC ACID'
5 non-polymer 'TRIETHYLENE GLYCOL'
6 water water
#
_entity_poly.entity_id   1
_entity_poly.type   'polypeptide(L)'
_entity_poly.pdbx_seq_one_letter_code
;G(MSE)QGAGRL(MSE)QPRPDSAFVHDVRVTWGDCDPAKIAYTGHLPRFALEAIDAWWSEYHGPGGWYHLELDTNVGTP
FVRLE(MSE)DFKSPVTPRHILKCHTWPTRLGTKSITFRVDGVQDGVTCFVGAFTCVFTIADQFKSQPAPDHLRALIEPH
IPA
;
_entity_poly.pdbx_strand_id   A,B
#
loop_
_chem_comp.id
_chem_comp.type
_chem_comp.name
_chem_comp.formula
CIT non-polymer 'CITRIC ACID' 'C6 H8 O7'
CL non-polymer 'CHLORIDE ION' 'Cl -1'
PGE non-polymer 'TRIETHYLENE GLYCOL' 'C6 H14 O4'
PO4 non-polymer 'PHOSPHATE ION' 'O4 P -3'
#
# COMPACT_ATOMS: atom_id res chain seq x y z
N MSE A 9 -13.24 -8.52 -6.17
CA MSE A 9 -13.55 -8.00 -4.81
C MSE A 9 -15.09 -7.74 -4.74
O MSE A 9 -15.82 -7.82 -5.75
CB MSE A 9 -12.66 -6.76 -4.48
CG MSE A 9 -11.09 -7.02 -4.56
SE MSE A 9 -9.69 -5.83 -3.58
CE MSE A 9 -7.94 -6.09 -4.60
N GLN A 10 -15.59 -7.49 -3.52
CA GLN A 10 -17.01 -7.15 -3.23
C GLN A 10 -17.39 -5.80 -3.85
N PRO A 11 -18.59 -5.71 -4.49
CA PRO A 11 -19.03 -4.39 -4.99
C PRO A 11 -19.43 -3.42 -3.88
N ARG A 12 -19.29 -2.12 -4.15
CA ARG A 12 -19.53 -1.12 -3.11
CA ARG A 12 -19.53 -1.14 -3.10
C ARG A 12 -21.00 -0.97 -2.82
N PRO A 13 -21.36 -0.99 -1.52
CA PRO A 13 -22.76 -0.85 -1.18
C PRO A 13 -23.16 0.61 -1.33
N ASP A 14 -24.46 0.84 -1.53
CA ASP A 14 -25.03 2.19 -1.52
C ASP A 14 -24.77 2.90 -0.19
N SER A 15 -24.67 2.10 0.88
CA SER A 15 -24.47 2.62 2.24
C SER A 15 -23.05 3.17 2.54
N ALA A 16 -22.11 3.00 1.62
CA ALA A 16 -20.71 3.27 1.95
C ALA A 16 -20.54 4.76 2.29
N PHE A 17 -19.81 4.99 3.36
CA PHE A 17 -19.30 6.27 3.74
C PHE A 17 -18.32 6.73 2.64
N VAL A 18 -18.37 8.00 2.27
CA VAL A 18 -17.46 8.56 1.29
C VAL A 18 -16.57 9.64 1.96
N HIS A 19 -15.26 9.46 1.87
CA HIS A 19 -14.30 10.49 2.27
C HIS A 19 -13.68 11.09 1.01
N ASP A 20 -13.78 12.41 0.87
CA ASP A 20 -13.19 13.12 -0.26
C ASP A 20 -11.71 13.41 -0.04
N VAL A 21 -10.90 13.12 -1.05
CA VAL A 21 -9.48 13.39 -1.01
C VAL A 21 -9.20 14.35 -2.16
N ARG A 22 -8.57 15.48 -1.84
CA ARG A 22 -8.18 16.42 -2.88
C ARG A 22 -6.77 16.05 -3.37
N VAL A 23 -6.68 15.66 -4.64
CA VAL A 23 -5.41 15.22 -5.23
C VAL A 23 -4.82 16.45 -5.90
N THR A 24 -3.53 16.69 -5.70
CA THR A 24 -2.90 17.81 -6.29
C THR A 24 -1.65 17.49 -7.09
N TRP A 25 -1.15 18.54 -7.73
CA TRP A 25 0.11 18.54 -8.44
C TRP A 25 1.20 17.80 -7.73
N GLY A 26 1.38 18.06 -6.46
CA GLY A 26 2.48 17.49 -5.70
C GLY A 26 2.31 16.02 -5.34
N ASP A 27 1.10 15.49 -5.51
CA ASP A 27 0.86 14.06 -5.39
C ASP A 27 1.21 13.31 -6.63
N CYS A 28 1.49 14.03 -7.72
CA CYS A 28 1.69 13.41 -9.06
C CYS A 28 3.15 13.27 -9.45
N ASP A 29 3.45 12.19 -10.18
CA ASP A 29 4.79 11.90 -10.64
C ASP A 29 4.95 12.41 -12.07
N PRO A 30 6.17 12.27 -12.62
CA PRO A 30 6.33 12.80 -13.97
C PRO A 30 5.47 12.20 -15.08
N ALA A 31 4.74 11.12 -14.82
CA ALA A 31 3.76 10.61 -15.78
C ALA A 31 2.43 11.34 -15.66
N LYS A 32 2.35 12.38 -14.83
CA LYS A 32 1.18 13.24 -14.74
C LYS A 32 -0.02 12.56 -14.08
N ILE A 33 0.26 11.58 -13.24
CA ILE A 33 -0.77 10.90 -12.48
C ILE A 33 -0.26 10.73 -11.05
N ALA A 34 -1.18 10.44 -10.14
CA ALA A 34 -0.86 10.28 -8.72
C ALA A 34 0.19 9.18 -8.57
N TYR A 35 1.28 9.46 -7.87
CA TYR A 35 2.27 8.44 -7.61
C TYR A 35 1.65 7.29 -6.78
N THR A 36 1.89 6.06 -7.23
CA THR A 36 1.36 4.88 -6.51
C THR A 36 1.66 4.91 -5.03
N GLY A 37 2.86 5.35 -4.69
CA GLY A 37 3.31 5.48 -3.30
C GLY A 37 2.35 6.24 -2.40
N HIS A 38 1.55 7.13 -2.97
CA HIS A 38 0.62 7.93 -2.16
C HIS A 38 -0.76 7.31 -2.07
N LEU A 39 -1.10 6.36 -2.96
CA LEU A 39 -2.46 5.87 -2.97
C LEU A 39 -2.87 5.11 -1.68
N PRO A 40 -1.97 4.28 -1.13
CA PRO A 40 -2.31 3.66 0.14
C PRO A 40 -2.54 4.67 1.25
N ARG A 41 -1.76 5.75 1.24
CA ARG A 41 -2.00 6.84 2.17
C ARG A 41 -3.40 7.43 2.04
N PHE A 42 -3.86 7.67 0.82
CA PHE A 42 -5.22 8.20 0.62
C PHE A 42 -6.27 7.23 1.16
N ALA A 43 -6.12 5.95 0.86
CA ALA A 43 -7.05 4.94 1.34
C ALA A 43 -7.12 4.91 2.86
N LEU A 44 -5.96 4.97 3.48
CA LEU A 44 -5.87 4.91 4.92
C LEU A 44 -6.46 6.14 5.56
N GLU A 45 -6.33 7.29 4.89
CA GLU A 45 -6.97 8.53 5.32
CA GLU A 45 -6.99 8.52 5.33
C GLU A 45 -8.50 8.37 5.35
N ALA A 46 -9.03 7.65 4.36
CA ALA A 46 -10.47 7.36 4.26
C ALA A 46 -10.94 6.48 5.41
N ILE A 47 -10.17 5.44 5.74
CA ILE A 47 -10.48 4.57 6.90
C ILE A 47 -10.43 5.37 8.22
N ASP A 48 -9.43 6.23 8.38
CA ASP A 48 -9.38 7.10 9.56
CA ASP A 48 -9.34 7.15 9.50
C ASP A 48 -10.62 7.99 9.60
N ALA A 49 -11.04 8.52 8.46
CA ALA A 49 -12.24 9.33 8.39
C ALA A 49 -13.46 8.51 8.75
N TRP A 50 -13.44 7.23 8.42
CA TRP A 50 -14.54 6.32 8.76
C TRP A 50 -14.67 6.20 10.27
N TRP A 51 -13.56 5.99 10.95
CA TRP A 51 -13.56 5.96 12.41
C TRP A 51 -14.05 7.26 13.00
N SER A 52 -13.63 8.39 12.42
CA SER A 52 -14.13 9.69 12.89
C SER A 52 -15.66 9.79 12.80
N GLU A 53 -16.20 9.31 11.69
CA GLU A 53 -17.63 9.41 11.45
C GLU A 53 -18.42 8.52 12.42
N TYR A 54 -17.98 7.29 12.62
CA TYR A 54 -18.77 6.34 13.37
C TYR A 54 -18.33 6.04 14.79
N HIS A 55 -17.09 6.35 15.15
CA HIS A 55 -16.64 6.19 16.53
C HIS A 55 -16.45 7.54 17.24
N GLY A 56 -15.86 8.52 16.57
CA GLY A 56 -15.76 9.85 17.12
C GLY A 56 -14.64 10.66 16.51
N PRO A 57 -14.78 11.99 16.59
CA PRO A 57 -13.80 12.92 16.03
C PRO A 57 -12.36 12.61 16.43
N GLY A 58 -11.46 12.73 15.48
CA GLY A 58 -10.06 12.43 15.73
C GLY A 58 -9.64 11.06 15.24
N GLY A 59 -10.57 10.28 14.66
CA GLY A 59 -10.17 9.05 13.98
C GLY A 59 -9.29 8.14 14.82
N TRP A 60 -8.22 7.58 14.21
CA TRP A 60 -7.29 6.71 14.91
C TRP A 60 -6.62 7.37 16.09
N TYR A 61 -6.32 8.66 15.97
CA TYR A 61 -5.65 9.38 17.05
C TYR A 61 -6.49 9.34 18.32
N HIS A 62 -7.77 9.64 18.17
CA HIS A 62 -8.73 9.51 19.26
C HIS A 62 -8.86 8.05 19.76
N LEU A 63 -9.04 7.13 18.83
CA LEU A 63 -9.19 5.72 19.18
C LEU A 63 -8.00 5.20 19.97
N GLU A 64 -6.76 5.45 19.52
CA GLU A 64 -5.53 5.02 20.22
CA GLU A 64 -5.57 4.96 20.25
C GLU A 64 -5.27 5.76 21.51
N LEU A 65 -5.22 7.08 21.40
CA LEU A 65 -4.76 7.92 22.53
C LEU A 65 -5.84 8.14 23.59
N ASP A 66 -7.11 8.16 23.20
CA ASP A 66 -8.17 8.36 24.19
C ASP A 66 -8.88 7.08 24.62
N THR A 67 -9.16 6.20 23.67
CA THR A 67 -9.88 4.95 23.93
C THR A 67 -8.92 3.80 24.24
N ASN A 68 -7.63 3.99 24.01
CA ASN A 68 -6.61 2.95 24.24
C ASN A 68 -6.76 1.71 23.39
N VAL A 69 -7.31 1.88 22.18
CA VAL A 69 -7.43 0.80 21.21
C VAL A 69 -6.63 1.17 19.96
N GLY A 70 -5.64 0.34 19.65
CA GLY A 70 -4.88 0.46 18.41
C GLY A 70 -5.45 -0.52 17.41
N THR A 71 -5.30 -0.19 16.13
CA THR A 71 -5.72 -1.09 15.03
C THR A 71 -4.60 -1.18 13.99
N PRO A 72 -3.50 -1.82 14.37
CA PRO A 72 -2.40 -1.96 13.43
C PRO A 72 -2.76 -2.81 12.20
N PHE A 73 -2.24 -2.42 11.04
CA PHE A 73 -2.47 -3.16 9.82
C PHE A 73 -1.62 -4.40 9.69
N VAL A 74 -2.24 -5.47 9.22
CA VAL A 74 -1.54 -6.70 8.99
C VAL A 74 -1.52 -7.05 7.50
N ARG A 75 -2.40 -6.43 6.74
CA ARG A 75 -2.41 -6.67 5.30
C ARG A 75 -3.11 -5.54 4.57
N LEU A 76 -2.61 -5.25 3.38
CA LEU A 76 -3.32 -4.42 2.44
C LEU A 76 -3.12 -4.93 1.02
N GLU A 77 -4.14 -4.75 0.21
CA GLU A 77 -4.04 -5.08 -1.20
C GLU A 77 -4.86 -4.08 -2.01
N MSE A 78 -4.34 -3.68 -3.16
CA MSE A 78 -4.97 -2.68 -4.02
C MSE A 78 -4.78 -3.04 -5.47
O MSE A 78 -3.71 -3.48 -5.86
CB MSE A 78 -4.35 -1.31 -3.78
CG MSE A 78 -4.38 -0.84 -2.31
SE MSE A 78 -3.77 0.98 -2.11
CE MSE A 78 -5.22 1.86 -2.89
N ASP A 79 -5.83 -2.85 -6.26
CA ASP A 79 -5.75 -2.95 -7.71
C ASP A 79 -5.98 -1.58 -8.30
N PHE A 80 -5.14 -1.18 -9.24
CA PHE A 80 -5.22 0.16 -9.83
C PHE A 80 -5.76 0.02 -11.22
N LYS A 81 -6.97 0.53 -11.44
CA LYS A 81 -7.70 0.28 -12.65
C LYS A 81 -7.65 1.48 -13.61
N SER A 82 -7.49 2.69 -13.07
CA SER A 82 -7.48 3.89 -13.89
C SER A 82 -6.71 4.93 -13.10
N PRO A 83 -6.02 5.85 -13.78
CA PRO A 83 -5.17 6.82 -13.07
C PRO A 83 -5.96 7.81 -12.22
N VAL A 84 -5.34 8.22 -11.12
CA VAL A 84 -5.87 9.25 -10.26
C VAL A 84 -5.16 10.58 -10.66
N THR A 85 -5.95 11.62 -10.87
CA THR A 85 -5.39 12.92 -11.19
C THR A 85 -6.07 14.05 -10.41
N PRO A 86 -5.46 15.25 -10.42
CA PRO A 86 -6.08 16.40 -9.79
C PRO A 86 -7.31 16.96 -10.47
N ARG A 87 -7.74 16.35 -11.57
CA ARG A 87 -8.88 16.85 -12.33
C ARG A 87 -10.22 16.68 -11.67
N HIS A 88 -10.30 15.76 -10.69
CA HIS A 88 -11.52 15.55 -9.91
C HIS A 88 -11.16 15.19 -8.50
N ILE A 89 -12.12 15.40 -7.60
CA ILE A 89 -12.04 14.90 -6.24
C ILE A 89 -11.95 13.37 -6.30
N LEU A 90 -11.09 12.82 -5.47
CA LEU A 90 -11.03 11.37 -5.31
C LEU A 90 -12.00 11.03 -4.19
N LYS A 91 -13.12 10.42 -4.57
CA LYS A 91 -14.15 10.01 -3.64
C LYS A 91 -13.85 8.61 -3.21
N CYS A 92 -13.50 8.45 -1.93
CA CYS A 92 -13.09 7.18 -1.37
C CYS A 92 -14.25 6.59 -0.61
N HIS A 93 -14.95 5.68 -1.28
CA HIS A 93 -16.10 4.96 -0.74
C HIS A 93 -15.53 3.87 0.16
N THR A 94 -15.90 3.91 1.44
CA THR A 94 -15.21 3.14 2.46
C THR A 94 -16.19 2.39 3.33
N TRP A 95 -15.92 1.10 3.56
CA TRP A 95 -16.80 0.31 4.41
C TRP A 95 -16.12 -0.90 4.98
N PRO A 96 -16.55 -1.35 6.16
CA PRO A 96 -16.05 -2.61 6.70
C PRO A 96 -16.74 -3.77 5.98
N THR A 97 -15.95 -4.75 5.57
CA THR A 97 -16.43 -5.88 4.81
C THR A 97 -16.58 -7.13 5.70
N ARG A 98 -15.82 -7.16 6.80
CA ARG A 98 -15.88 -8.26 7.74
C ARG A 98 -15.25 -7.83 9.07
N LEU A 99 -15.69 -8.47 10.14
CA LEU A 99 -15.13 -8.29 11.47
C LEU A 99 -15.15 -9.65 12.13
N GLY A 100 -13.97 -10.23 12.32
CA GLY A 100 -13.86 -11.51 13.01
C GLY A 100 -13.59 -11.22 14.48
N THR A 101 -13.09 -12.22 15.20
CA THR A 101 -12.84 -11.99 16.61
CA THR A 101 -12.78 -12.08 16.61
C THR A 101 -11.51 -11.27 16.78
N LYS A 102 -10.60 -11.43 15.82
CA LYS A 102 -9.34 -10.77 15.94
C LYS A 102 -9.12 -9.61 14.95
N SER A 103 -9.63 -9.68 13.71
CA SER A 103 -9.35 -8.64 12.73
C SER A 103 -10.58 -8.08 12.04
N ILE A 104 -10.38 -6.90 11.48
CA ILE A 104 -11.37 -6.21 10.67
C ILE A 104 -10.77 -5.94 9.30
N THR A 105 -11.58 -6.04 8.25
CA THR A 105 -11.17 -5.66 6.90
C THR A 105 -12.08 -4.56 6.40
N PHE A 106 -11.45 -3.51 5.90
CA PHE A 106 -12.14 -2.39 5.23
C PHE A 106 -11.86 -2.51 3.74
N ARG A 107 -12.89 -2.20 2.97
CA ARG A 107 -12.78 -1.94 1.56
C ARG A 107 -12.75 -0.46 1.30
N VAL A 108 -11.87 -0.02 0.39
CA VAL A 108 -11.90 1.37 -0.11
C VAL A 108 -11.93 1.32 -1.63
N ASP A 109 -12.95 1.94 -2.24
CA ASP A 109 -12.96 2.22 -3.69
C ASP A 109 -12.67 3.67 -3.94
N GLY A 110 -11.62 3.93 -4.71
CA GLY A 110 -11.27 5.29 -5.05
C GLY A 110 -11.85 5.60 -6.42
N VAL A 111 -12.79 6.55 -6.43
CA VAL A 111 -13.60 6.88 -7.60
C VAL A 111 -13.40 8.35 -8.00
N GLN A 112 -13.17 8.60 -9.29
CA GLN A 112 -13.08 9.95 -9.84
C GLN A 112 -14.06 10.14 -10.98
N ASP A 113 -14.94 11.12 -10.87
CA ASP A 113 -15.93 11.38 -11.94
C ASP A 113 -16.67 10.09 -12.30
N GLY A 114 -17.00 9.29 -11.31
CA GLY A 114 -17.71 8.04 -11.52
C GLY A 114 -16.90 6.84 -12.00
N VAL A 115 -15.65 7.03 -12.36
CA VAL A 115 -14.78 5.93 -12.73
C VAL A 115 -14.06 5.39 -11.50
N THR A 116 -14.07 4.08 -11.30
CA THR A 116 -13.33 3.45 -10.23
C THR A 116 -11.90 3.40 -10.64
N CYS A 117 -11.06 4.15 -9.93
CA CYS A 117 -9.65 4.23 -10.19
C CYS A 117 -8.88 3.13 -9.51
N PHE A 118 -9.25 2.83 -8.27
CA PHE A 118 -8.64 1.76 -7.48
C PHE A 118 -9.64 1.10 -6.52
N VAL A 119 -9.36 -0.16 -6.21
CA VAL A 119 -10.12 -0.91 -5.23
C VAL A 119 -9.07 -1.49 -4.26
N GLY A 120 -9.33 -1.32 -2.98
CA GLY A 120 -8.41 -1.80 -1.96
C GLY A 120 -9.11 -2.53 -0.83
N ALA A 121 -8.40 -3.46 -0.21
CA ALA A 121 -8.86 -4.16 0.99
C ALA A 121 -7.75 -4.07 2.02
N PHE A 122 -8.09 -3.65 3.24
CA PHE A 122 -7.13 -3.32 4.30
C PHE A 122 -7.54 -3.98 5.62
N THR A 123 -6.66 -4.82 6.16
CA THR A 123 -6.97 -5.66 7.33
C THR A 123 -6.10 -5.26 8.52
N CYS A 124 -6.77 -5.00 9.66
CA CYS A 124 -6.17 -4.58 10.92
CA CYS A 124 -6.08 -4.67 10.89
C CYS A 124 -6.55 -5.55 12.04
N VAL A 125 -5.67 -5.68 13.03
CA VAL A 125 -5.98 -6.39 14.27
C VAL A 125 -6.22 -5.31 15.33
N PHE A 126 -6.51 -5.71 16.56
CA PHE A 126 -6.77 -4.78 17.64
C PHE A 126 -5.75 -4.94 18.73
N THR A 127 -5.33 -3.82 19.32
CA THR A 127 -4.43 -3.85 20.46
C THR A 127 -4.97 -3.03 21.61
N ILE A 128 -4.46 -3.35 22.80
CA ILE A 128 -4.50 -2.49 23.96
C ILE A 128 -3.36 -1.52 23.71
N ALA A 129 -3.68 -0.29 23.34
CA ALA A 129 -2.71 0.58 22.66
C ALA A 129 -1.51 0.84 23.52
N ASP A 130 -1.73 1.16 24.80
CA ASP A 130 -0.62 1.57 25.67
C ASP A 130 0.31 0.41 26.02
N GLN A 131 -0.17 -0.82 25.82
CA GLN A 131 0.64 -2.02 26.05
C GLN A 131 1.24 -2.63 24.77
N PHE A 132 0.80 -2.15 23.61
CA PHE A 132 1.13 -2.76 22.32
C PHE A 132 0.96 -4.28 22.36
N LYS A 133 -0.17 -4.71 22.93
CA LYS A 133 -0.56 -6.13 23.06
C LYS A 133 -1.89 -6.37 22.34
N SER A 134 -1.96 -7.44 21.54
CA SER A 134 -3.17 -7.81 20.83
C SER A 134 -4.31 -8.10 21.76
N GLN A 135 -5.52 -7.78 21.32
CA GLN A 135 -6.72 -8.21 22.01
C GLN A 135 -7.77 -8.51 20.97
N PRO A 136 -8.78 -9.31 21.33
CA PRO A 136 -9.92 -9.46 20.44
C PRO A 136 -10.62 -8.14 20.21
N ALA A 137 -11.36 -8.03 19.12
CA ALA A 137 -12.13 -6.82 18.84
C ALA A 137 -13.04 -6.55 20.03
N PRO A 138 -12.92 -5.36 20.68
CA PRO A 138 -13.80 -5.06 21.81
C PRO A 138 -15.27 -5.05 21.43
N ASP A 139 -16.12 -5.54 22.33
CA ASP A 139 -17.56 -5.58 22.11
C ASP A 139 -18.14 -4.24 21.75
N HIS A 140 -17.70 -3.14 22.39
CA HIS A 140 -18.28 -1.83 22.10
CA HIS A 140 -18.30 -1.83 22.08
C HIS A 140 -17.98 -1.42 20.64
N LEU A 141 -16.79 -1.71 20.19
CA LEU A 141 -16.45 -1.43 18.80
C LEU A 141 -17.21 -2.35 17.86
N ARG A 142 -17.34 -3.63 18.18
CA ARG A 142 -18.15 -4.53 17.35
C ARG A 142 -19.57 -3.96 17.17
N ALA A 143 -20.17 -3.40 18.23
CA ALA A 143 -21.53 -2.83 18.13
C ALA A 143 -21.61 -1.66 17.15
N LEU A 144 -20.57 -0.83 17.10
CA LEU A 144 -20.51 0.29 16.16
C LEU A 144 -20.24 -0.15 14.72
N ILE A 145 -19.44 -1.20 14.55
CA ILE A 145 -18.93 -1.61 13.25
C ILE A 145 -19.95 -2.47 12.47
N GLU A 146 -20.53 -3.48 13.12
CA GLU A 146 -21.36 -4.46 12.42
C GLU A 146 -22.58 -3.95 11.65
N PRO A 147 -23.23 -2.87 12.12
CA PRO A 147 -24.34 -2.31 11.34
C PRO A 147 -23.95 -1.83 9.92
N HIS A 148 -22.67 -1.61 9.68
CA HIS A 148 -22.18 -1.10 8.41
C HIS A 148 -21.54 -2.14 7.50
N ILE A 149 -21.48 -3.39 7.97
CA ILE A 149 -21.01 -4.51 7.17
C ILE A 149 -22.17 -5.00 6.27
N PRO A 150 -22.00 -4.89 4.94
CA PRO A 150 -23.03 -5.33 4.00
C PRO A 150 -23.18 -6.83 3.90
N ALA A 151 -24.38 -7.26 3.49
CA ALA A 151 -24.70 -8.64 3.22
C ALA A 151 -23.73 -9.06 2.13
N LEU B 8 1.11 -18.17 -1.75
CA LEU B 8 1.06 -17.06 -2.75
C LEU B 8 2.44 -16.39 -2.95
N MSE B 9 3.02 -15.85 -1.86
CA MSE B 9 4.30 -15.12 -1.90
C MSE B 9 5.51 -16.02 -1.71
O MSE B 9 5.63 -16.70 -0.70
CB MSE B 9 4.33 -13.99 -0.86
CG MSE B 9 3.15 -13.04 -1.02
SE MSE B 9 3.50 -11.11 -0.95
CE MSE B 9 1.81 -10.70 0.13
N GLN B 10 6.40 -16.00 -2.70
CA GLN B 10 7.57 -16.87 -2.76
C GLN B 10 8.70 -16.40 -1.81
N PRO B 11 9.44 -17.35 -1.18
CA PRO B 11 10.54 -17.03 -0.26
C PRO B 11 11.67 -16.33 -1.01
N ARG B 12 12.41 -15.47 -0.32
CA ARG B 12 13.41 -14.66 -1.00
C ARG B 12 14.62 -15.48 -1.32
N PRO B 13 15.15 -15.32 -2.54
CA PRO B 13 16.35 -16.04 -2.96
C PRO B 13 17.61 -15.40 -2.36
N ASP B 14 18.67 -16.19 -2.27
CA ASP B 14 20.00 -15.71 -1.89
C ASP B 14 20.47 -14.57 -2.79
N SER B 15 20.02 -14.60 -4.04
CA SER B 15 20.43 -13.65 -5.08
C SER B 15 19.74 -12.28 -4.99
N ALA B 16 18.81 -12.08 -4.07
CA ALA B 16 18.01 -10.86 -4.08
C ALA B 16 18.91 -9.66 -3.86
N PHE B 17 18.65 -8.63 -4.67
CA PHE B 17 19.22 -7.31 -4.46
C PHE B 17 18.71 -6.77 -3.15
N VAL B 18 19.57 -6.12 -2.38
CA VAL B 18 19.17 -5.52 -1.13
C VAL B 18 19.35 -4.00 -1.23
N HIS B 19 18.26 -3.26 -1.06
CA HIS B 19 18.29 -1.79 -0.97
C HIS B 19 18.10 -1.37 0.50
N ASP B 20 19.03 -0.56 1.03
CA ASP B 20 18.92 -0.06 2.39
C ASP B 20 18.04 1.15 2.43
N VAL B 21 17.10 1.16 3.37
CA VAL B 21 16.24 2.30 3.62
C VAL B 21 16.48 2.72 5.08
N ARG B 22 16.79 4.00 5.27
CA ARG B 22 16.93 4.59 6.57
C ARG B 22 15.54 5.02 7.05
N VAL B 23 15.07 4.44 8.16
CA VAL B 23 13.79 4.83 8.73
C VAL B 23 14.07 5.82 9.83
N THR B 24 13.29 6.89 9.94
CA THR B 24 13.58 7.89 10.96
C THR B 24 12.32 8.34 11.68
N TRP B 25 12.55 9.14 12.70
CA TRP B 25 11.51 9.75 13.51
C TRP B 25 10.30 10.18 12.69
N GLY B 26 10.57 10.87 11.59
CA GLY B 26 9.52 11.46 10.78
C GLY B 26 8.64 10.47 10.03
N ASP B 27 9.14 9.25 9.89
CA ASP B 27 8.40 8.17 9.29
C ASP B 27 7.44 7.53 10.32
N CYS B 28 7.61 7.84 11.60
CA CYS B 28 6.88 7.14 12.67
C CYS B 28 5.63 7.85 13.13
N ASP B 29 4.66 7.05 13.57
CA ASP B 29 3.41 7.56 14.12
C ASP B 29 3.45 7.64 15.64
N PRO B 30 2.39 8.14 16.26
CA PRO B 30 2.45 8.12 17.71
C PRO B 30 2.56 6.78 18.45
N ALA B 31 2.41 5.65 17.78
CA ALA B 31 2.66 4.33 18.38
C ALA B 31 4.16 4.03 18.36
N LYS B 32 4.96 4.93 17.81
CA LYS B 32 6.43 4.85 17.84
C LYS B 32 7.00 3.82 16.88
N ILE B 33 6.24 3.52 15.82
CA ILE B 33 6.69 2.65 14.75
C ILE B 33 6.36 3.34 13.42
N ALA B 34 6.94 2.87 12.33
CA ALA B 34 6.74 3.46 11.01
C ALA B 34 5.25 3.38 10.69
N TYR B 35 4.66 4.50 10.26
CA TYR B 35 3.26 4.47 9.82
C TYR B 35 3.11 3.56 8.59
N THR B 36 2.05 2.74 8.63
CA THR B 36 1.74 1.83 7.56
C THR B 36 1.70 2.52 6.23
N GLY B 37 1.16 3.74 6.16
CA GLY B 37 1.09 4.51 4.95
C GLY B 37 2.39 4.84 4.27
N HIS B 38 3.50 4.81 5.00
CA HIS B 38 4.83 5.08 4.43
C HIS B 38 5.47 3.82 3.93
N LEU B 39 5.01 2.66 4.38
CA LEU B 39 5.74 1.43 4.04
C LEU B 39 5.77 1.13 2.54
N PRO B 40 4.65 1.37 1.85
CA PRO B 40 4.67 1.19 0.37
C PRO B 40 5.73 2.05 -0.31
N ARG B 41 5.90 3.27 0.17
CA ARG B 41 6.92 4.16 -0.36
C ARG B 41 8.31 3.54 -0.27
N PHE B 42 8.62 2.93 0.88
CA PHE B 42 9.92 2.28 1.06
C PHE B 42 10.07 1.12 0.09
N ALA B 43 9.02 0.32 -0.07
CA ALA B 43 9.10 -0.82 -1.00
C ALA B 43 9.31 -0.37 -2.46
N LEU B 44 8.63 0.70 -2.84
CA LEU B 44 8.76 1.25 -4.18
C LEU B 44 10.15 1.83 -4.43
N GLU B 45 10.70 2.48 -3.42
CA GLU B 45 12.07 2.97 -3.48
C GLU B 45 13.08 1.83 -3.76
N ALA B 46 12.81 0.68 -3.16
CA ALA B 46 13.60 -0.52 -3.36
C ALA B 46 13.54 -1.00 -4.81
N ILE B 47 12.35 -0.98 -5.37
CA ILE B 47 12.16 -1.40 -6.76
C ILE B 47 12.85 -0.39 -7.69
N ASP B 48 12.68 0.89 -7.42
CA ASP B 48 13.40 1.93 -8.16
C ASP B 48 14.91 1.68 -8.11
N ALA B 49 15.44 1.31 -6.94
CA ALA B 49 16.86 0.99 -6.78
C ALA B 49 17.28 -0.26 -7.56
N TRP B 50 16.36 -1.21 -7.70
CA TRP B 50 16.61 -2.43 -8.50
C TRP B 50 16.85 -2.01 -9.95
N TRP B 51 15.98 -1.16 -10.47
CA TRP B 51 16.15 -0.66 -11.82
C TRP B 51 17.47 0.08 -11.99
N SER B 52 17.84 0.89 -11.02
CA SER B 52 19.14 1.58 -11.08
C SER B 52 20.29 0.59 -11.17
N GLU B 53 20.20 -0.48 -10.39
CA GLU B 53 21.27 -1.45 -10.32
C GLU B 53 21.41 -2.23 -11.64
N TYR B 54 20.30 -2.68 -12.21
CA TYR B 54 20.35 -3.60 -13.36
C TYR B 54 20.05 -2.98 -14.71
N HIS B 55 19.38 -1.83 -14.73
CA HIS B 55 19.13 -1.12 -15.98
C HIS B 55 20.02 0.11 -16.13
N GLY B 56 20.11 0.95 -15.10
CA GLY B 56 21.05 2.06 -15.11
C GLY B 56 20.69 3.12 -14.11
N PRO B 57 21.66 3.96 -13.73
CA PRO B 57 21.45 4.97 -12.72
C PRO B 57 20.28 5.87 -13.01
N GLY B 58 19.56 6.25 -11.96
CA GLY B 58 18.35 7.09 -12.10
C GLY B 58 17.04 6.31 -12.11
N GLY B 59 17.09 5.00 -11.92
CA GLY B 59 15.88 4.24 -11.69
C GLY B 59 14.75 4.47 -12.70
N TRP B 60 13.52 4.62 -12.19
CA TRP B 60 12.36 4.90 -13.03
C TRP B 60 12.48 6.23 -13.82
N TYR B 61 13.13 7.22 -13.22
CA TYR B 61 13.29 8.54 -13.87
C TYR B 61 14.06 8.39 -15.17
N HIS B 62 15.19 7.70 -15.09
CA HIS B 62 16.00 7.33 -16.26
C HIS B 62 15.20 6.45 -17.23
N LEU B 63 14.59 5.38 -16.71
CA LEU B 63 13.78 4.46 -17.54
C LEU B 63 12.70 5.17 -18.36
N GLU B 64 11.92 6.01 -17.68
CA GLU B 64 10.84 6.70 -18.32
C GLU B 64 11.29 7.88 -19.21
N LEU B 65 12.14 8.75 -18.68
CA LEU B 65 12.44 9.98 -19.39
C LEU B 65 13.56 9.83 -20.40
N ASP B 66 14.46 8.86 -20.23
CA ASP B 66 15.54 8.65 -21.19
C ASP B 66 15.26 7.49 -22.14
N THR B 67 14.71 6.40 -21.62
CA THR B 67 14.49 5.14 -22.36
C THR B 67 13.06 5.09 -22.93
N ASN B 68 12.21 6.01 -22.50
CA ASN B 68 10.82 6.09 -22.93
C ASN B 68 9.98 4.87 -22.57
N VAL B 69 10.31 4.23 -21.44
CA VAL B 69 9.57 3.09 -20.96
C VAL B 69 9.02 3.42 -19.58
N GLY B 70 7.70 3.38 -19.46
CA GLY B 70 7.06 3.53 -18.18
C GLY B 70 6.66 2.19 -17.63
N THR B 71 6.57 2.08 -16.31
CA THR B 71 6.14 0.84 -15.67
C THR B 71 5.11 1.17 -14.60
N PRO B 72 3.96 1.69 -15.00
CA PRO B 72 2.91 2.01 -14.02
C PRO B 72 2.42 0.78 -13.23
N PHE B 73 2.04 0.98 -11.98
CA PHE B 73 1.54 -0.11 -11.15
C PHE B 73 0.09 -0.43 -11.42
N VAL B 74 -0.20 -1.73 -11.41
CA VAL B 74 -1.59 -2.19 -11.56
C VAL B 74 -2.06 -2.97 -10.31
N ARG B 75 -1.13 -3.43 -9.49
CA ARG B 75 -1.48 -4.08 -8.23
C ARG B 75 -0.34 -4.03 -7.22
N LEU B 76 -0.72 -3.93 -5.96
CA LEU B 76 0.24 -4.17 -4.87
C LEU B 76 -0.43 -4.90 -3.70
N GLU B 77 0.34 -5.74 -3.03
CA GLU B 77 -0.15 -6.37 -1.82
C GLU B 77 0.99 -6.50 -0.85
N MSE B 78 0.68 -6.27 0.43
CA MSE B 78 1.70 -6.30 1.49
C MSE B 78 1.11 -6.95 2.72
O MSE B 78 -0.03 -6.69 3.06
CB MSE B 78 2.16 -4.89 1.84
CG MSE B 78 2.69 -4.11 0.64
SE MSE B 78 3.44 -2.40 1.08
CE MSE B 78 4.98 -2.97 2.07
N ASP B 79 1.91 -7.81 3.36
CA ASP B 79 1.63 -8.35 4.67
C ASP B 79 2.60 -7.75 5.63
N PHE B 80 2.10 -7.23 6.76
CA PHE B 80 2.92 -6.57 7.78
C PHE B 80 3.03 -7.52 9.00
N LYS B 81 4.25 -7.99 9.29
CA LYS B 81 4.47 -9.07 10.26
C LYS B 81 5.07 -8.56 11.54
N SER B 82 5.83 -7.48 11.45
CA SER B 82 6.52 -6.96 12.59
C SER B 82 6.76 -5.45 12.33
N PRO B 83 6.76 -4.63 13.39
CA PRO B 83 6.92 -3.21 13.20
C PRO B 83 8.28 -2.77 12.67
N VAL B 84 8.27 -1.71 11.89
CA VAL B 84 9.49 -1.12 11.37
C VAL B 84 9.83 0.10 12.25
N THR B 85 11.08 0.20 12.70
CA THR B 85 11.49 1.36 13.55
C THR B 85 12.82 1.94 13.08
N PRO B 86 13.16 3.13 13.59
CA PRO B 86 14.49 3.66 13.32
C PRO B 86 15.67 2.99 14.02
N ARG B 87 15.45 1.92 14.79
CA ARG B 87 16.54 1.27 15.51
C ARG B 87 17.50 0.55 14.57
N HIS B 88 17.08 0.21 13.36
CA HIS B 88 17.95 -0.48 12.39
C HIS B 88 17.67 -0.01 10.99
N ILE B 89 18.62 -0.21 10.11
CA ILE B 89 18.39 -0.05 8.66
C ILE B 89 17.29 -1.03 8.25
N LEU B 90 16.41 -0.58 7.39
CA LEU B 90 15.41 -1.47 6.74
C LEU B 90 16.07 -2.02 5.48
N LYS B 91 16.37 -3.31 5.48
CA LYS B 91 16.97 -3.95 4.33
C LYS B 91 15.87 -4.52 3.46
N CYS B 92 15.72 -3.94 2.27
CA CYS B 92 14.67 -4.34 1.36
C CYS B 92 15.24 -5.29 0.34
N HIS B 93 14.97 -6.57 0.53
CA HIS B 93 15.41 -7.63 -0.38
C HIS B 93 14.42 -7.67 -1.54
N THR B 94 14.91 -7.43 -2.75
CA THR B 94 14.05 -7.09 -3.87
C THR B 94 14.40 -7.93 -5.08
N TRP B 95 13.39 -8.51 -5.71
CA TRP B 95 13.65 -9.27 -6.92
C TRP B 95 12.39 -9.43 -7.75
N PRO B 96 12.56 -9.68 -9.07
CA PRO B 96 11.43 -10.01 -9.92
C PRO B 96 11.05 -11.47 -9.76
N THR B 97 9.79 -11.70 -9.45
CA THR B 97 9.29 -13.03 -9.24
C THR B 97 8.68 -13.60 -10.53
N ARG B 98 8.31 -12.71 -11.45
CA ARG B 98 7.61 -13.10 -12.64
C ARG B 98 7.65 -12.01 -13.71
N LEU B 99 7.78 -12.41 -14.97
CA LEU B 99 7.65 -11.49 -16.09
C LEU B 99 6.81 -12.18 -17.15
N GLY B 100 5.62 -11.66 -17.44
CA GLY B 100 4.83 -12.20 -18.52
C GLY B 100 5.08 -11.40 -19.77
N THR B 101 4.14 -11.45 -20.69
CA THR B 101 4.24 -10.70 -21.92
C THR B 101 3.98 -9.23 -21.65
N LYS B 102 3.02 -8.97 -20.76
CA LYS B 102 2.60 -7.59 -20.47
C LYS B 102 3.02 -7.02 -19.11
N SER B 103 3.21 -7.86 -18.08
CA SER B 103 3.46 -7.34 -16.74
C SER B 103 4.67 -8.00 -16.08
N ILE B 104 5.21 -7.29 -15.07
CA ILE B 104 6.28 -7.79 -14.23
C ILE B 104 5.82 -7.72 -12.77
N THR B 105 6.19 -8.69 -11.95
CA THR B 105 5.90 -8.63 -10.53
C THR B 105 7.20 -8.69 -9.76
N PHE B 106 7.37 -7.70 -8.89
CA PHE B 106 8.49 -7.62 -7.98
C PHE B 106 8.01 -8.01 -6.61
N ARG B 107 8.85 -8.81 -5.94
CA ARG B 107 8.77 -9.04 -4.52
C ARG B 107 9.72 -8.13 -3.78
N VAL B 108 9.29 -7.64 -2.63
CA VAL B 108 10.16 -6.93 -1.68
C VAL B 108 9.87 -7.46 -0.28
N ASP B 109 10.91 -7.91 0.43
CA ASP B 109 10.81 -8.26 1.84
C ASP B 109 11.57 -7.15 2.56
N GLY B 110 10.91 -6.54 3.52
CA GLY B 110 11.53 -5.50 4.34
C GLY B 110 11.96 -6.18 5.64
N VAL B 111 13.28 -6.17 5.90
CA VAL B 111 13.89 -6.94 6.99
C VAL B 111 14.71 -6.04 7.87
N GLN B 112 14.50 -6.13 9.18
CA GLN B 112 15.24 -5.31 10.14
C GLN B 112 15.87 -6.19 11.20
N ASP B 113 17.21 -6.15 11.29
CA ASP B 113 17.92 -7.02 12.18
C ASP B 113 17.52 -8.47 11.99
N GLY B 114 17.38 -8.84 10.71
CA GLY B 114 16.99 -10.21 10.31
C GLY B 114 15.56 -10.63 10.48
N VAL B 115 14.74 -9.77 11.10
CA VAL B 115 13.32 -10.01 11.23
C VAL B 115 12.58 -9.50 10.01
N THR B 116 11.75 -10.34 9.41
CA THR B 116 10.96 -9.91 8.25
C THR B 116 9.76 -9.13 8.74
N CYS B 117 9.83 -7.82 8.53
CA CYS B 117 8.79 -6.91 8.99
C CYS B 117 7.62 -6.89 8.03
N PHE B 118 7.91 -6.89 6.73
CA PHE B 118 6.82 -6.97 5.73
C PHE B 118 7.25 -7.72 4.48
N VAL B 119 6.26 -8.27 3.81
CA VAL B 119 6.48 -9.02 2.59
CA VAL B 119 6.45 -9.03 2.57
C VAL B 119 5.48 -8.41 1.59
N GLY B 120 5.98 -7.99 0.44
CA GLY B 120 5.12 -7.39 -0.57
C GLY B 120 5.33 -7.95 -1.98
N ALA B 121 4.29 -7.85 -2.81
CA ALA B 121 4.36 -8.17 -4.23
C ALA B 121 3.71 -7.02 -5.01
N PHE B 122 4.39 -6.56 -6.05
CA PHE B 122 4.07 -5.32 -6.74
C PHE B 122 4.13 -5.56 -8.24
N THR B 123 3.02 -5.33 -8.93
CA THR B 123 2.87 -5.68 -10.34
C THR B 123 2.70 -4.42 -11.16
N CYS B 124 3.53 -4.31 -12.20
CA CYS B 124 3.57 -3.19 -13.13
C CYS B 124 3.28 -3.69 -14.55
N VAL B 125 2.70 -2.84 -15.39
CA VAL B 125 2.65 -3.06 -16.83
C VAL B 125 3.69 -2.13 -17.46
N PHE B 126 3.84 -2.20 -18.78
CA PHE B 126 4.85 -1.40 -19.51
C PHE B 126 4.12 -0.46 -20.43
N THR B 127 4.62 0.78 -20.51
CA THR B 127 4.12 1.74 -21.47
C THR B 127 5.25 2.30 -22.35
N ILE B 128 4.83 2.84 -23.49
CA ILE B 128 5.61 3.81 -24.27
C ILE B 128 5.38 5.12 -23.53
N ALA B 129 6.39 5.56 -22.79
CA ALA B 129 6.17 6.58 -21.77
C ALA B 129 5.56 7.84 -22.35
N ASP B 130 6.13 8.37 -23.43
CA ASP B 130 5.70 9.67 -23.97
C ASP B 130 4.29 9.64 -24.58
N GLN B 131 3.76 8.45 -24.87
CA GLN B 131 2.40 8.29 -25.38
C GLN B 131 1.38 7.85 -24.32
N PHE B 132 1.85 7.51 -23.12
CA PHE B 132 1.03 6.82 -22.11
C PHE B 132 0.16 5.72 -22.74
N LYS B 133 0.80 4.87 -23.54
CA LYS B 133 0.16 3.73 -24.17
C LYS B 133 0.85 2.44 -23.73
N SER B 134 0.06 1.43 -23.38
CA SER B 134 0.60 0.12 -23.05
C SER B 134 1.44 -0.50 -24.18
N GLN B 135 2.43 -1.28 -23.80
CA GLN B 135 3.16 -2.11 -24.74
C GLN B 135 3.55 -3.39 -24.04
N PRO B 136 3.79 -4.47 -24.80
CA PRO B 136 4.39 -5.61 -24.16
C PRO B 136 5.77 -5.30 -23.60
N ALA B 137 6.23 -6.09 -22.64
CA ALA B 137 7.57 -5.91 -22.09
C ALA B 137 8.61 -5.92 -23.21
N PRO B 138 9.41 -4.84 -23.37
CA PRO B 138 10.40 -4.83 -24.46
C PRO B 138 11.50 -5.87 -24.30
N ASP B 139 11.92 -6.43 -25.42
CA ASP B 139 12.90 -7.50 -25.42
C ASP B 139 14.16 -7.12 -24.69
N HIS B 140 14.64 -5.89 -24.83
CA HIS B 140 15.91 -5.52 -24.16
C HIS B 140 15.76 -5.52 -22.65
N LEU B 141 14.60 -5.11 -22.15
CA LEU B 141 14.36 -5.19 -20.71
C LEU B 141 14.21 -6.66 -20.27
N ARG B 142 13.50 -7.46 -21.05
CA ARG B 142 13.38 -8.86 -20.75
C ARG B 142 14.74 -9.50 -20.52
N ALA B 143 15.69 -9.15 -21.38
CA ALA B 143 17.04 -9.72 -21.32
C ALA B 143 17.74 -9.36 -20.02
N LEU B 144 17.48 -8.15 -19.49
CA LEU B 144 18.05 -7.72 -18.21
C LEU B 144 17.35 -8.34 -17.02
N ILE B 145 16.04 -8.58 -17.14
CA ILE B 145 15.21 -9.00 -16.01
C ILE B 145 15.30 -10.52 -15.75
N GLU B 146 15.12 -11.31 -16.80
CA GLU B 146 15.03 -12.79 -16.69
C GLU B 146 16.11 -13.51 -15.91
N PRO B 147 17.39 -13.10 -16.05
CA PRO B 147 18.44 -13.75 -15.23
C PRO B 147 18.25 -13.63 -13.72
N HIS B 148 17.38 -12.72 -13.28
CA HIS B 148 17.18 -12.50 -11.86
C HIS B 148 15.90 -13.13 -11.30
N ILE B 149 15.13 -13.78 -12.16
CA ILE B 149 13.91 -14.43 -11.74
C ILE B 149 14.26 -15.81 -11.20
N PRO B 150 13.96 -16.07 -9.91
CA PRO B 150 14.23 -17.38 -9.34
C PRO B 150 13.44 -18.53 -9.95
N ALA B 151 13.99 -19.73 -9.78
CA ALA B 151 13.35 -20.99 -10.15
C ALA B 151 11.90 -21.22 -9.70
P PO4 C . 3.78 8.98 1.65
O1 PO4 C . 2.59 9.38 0.83
O2 PO4 C . 3.37 8.82 3.09
O3 PO4 C . 4.26 7.63 1.17
O4 PO4 C . 4.89 9.99 1.47
P PO4 D . 2.19 5.52 -11.00
O1 PO4 D . 0.85 6.09 -10.65
O2 PO4 D . 3.04 5.49 -9.73
O3 PO4 D . 1.97 4.10 -11.53
O4 PO4 D . 2.88 6.36 -12.07
CL CL E . -15.75 4.75 22.74
C1 CIT F . -9.82 -13.12 12.33
O1 CIT F . -8.89 -12.54 11.72
O2 CIT F . -10.65 -12.40 12.92
C2 CIT F . -9.90 -14.63 12.33
C3 CIT F . -10.99 -15.20 13.26
O7 CIT F . -10.66 -14.78 14.61
C4 CIT F . -11.13 -16.72 13.15
C5 CIT F . -11.84 -17.15 11.86
O3 CIT F . -11.16 -17.19 10.79
O4 CIT F . -13.09 -17.45 11.81
C6 CIT F . -12.35 -14.69 12.83
O5 CIT F . -12.56 -14.46 11.62
O6 CIT F . -13.27 -14.55 13.66
C1 CIT G . -17.69 14.79 -11.09
O1 CIT G . -18.68 14.16 -11.53
O2 CIT G . -16.54 14.39 -11.38
C2 CIT G . -17.91 16.03 -10.23
C3 CIT G . -16.87 16.16 -9.11
O7 CIT G . -16.72 14.88 -8.44
C4 CIT G . -17.31 17.24 -8.10
C5 CIT G . -17.99 16.64 -6.87
O3 CIT G . -17.85 17.19 -5.76
O4 CIT G . -18.69 15.62 -6.94
C6 CIT G . -15.50 16.54 -9.68
O5 CIT G . -14.50 16.37 -8.94
O6 CIT G . -15.36 16.98 -10.85
P PO4 H . 0.84 -11.02 -18.37
O1 PO4 H . 0.76 -12.53 -18.16
O2 PO4 H . 2.18 -10.53 -17.89
O3 PO4 H . 0.65 -10.76 -19.86
O4 PO4 H . -0.22 -10.31 -17.54
C1 PGE I . -3.60 2.97 -13.27
O1 PGE I . -2.77 4.12 -13.55
C2 PGE I . -4.02 2.21 -14.51
O2 PGE I . -2.87 1.61 -15.09
C3 PGE I . -3.08 1.03 -16.37
C4 PGE I . -1.87 1.37 -17.23
O4 PGE I . -3.47 3.07 -20.89
C6 PGE I . -2.30 3.54 -20.20
C5 PGE I . -1.67 2.42 -19.38
O3 PGE I . -2.18 2.49 -18.05
C1 PGE J . 1.59 -6.41 19.17
O1 PGE J . 2.00 -7.79 19.09
C2 PGE J . 0.99 -5.89 17.87
O2 PGE J . 0.72 -6.94 16.95
C3 PGE J . 0.09 -6.53 15.74
C4 PGE J . 0.75 -7.16 14.52
O4 PGE J . 3.61 -4.29 12.88
C6 PGE J . 2.75 -5.15 12.14
C5 PGE J . 2.40 -6.35 12.97
O3 PGE J . 1.14 -6.12 13.61
C1 PGE K . 24.26 -7.89 0.26
O1 PGE K . 23.78 -6.80 -0.54
C2 PGE K . 24.28 -9.18 -0.53
O2 PGE K . 23.37 -9.14 -1.62
C3 PGE K . 23.32 -10.38 -2.32
C4 PGE K . 22.57 -10.22 -3.63
O4 PGE K . 23.78 -6.78 -5.90
C6 PGE K . 23.29 -8.13 -5.95
C5 PGE K . 24.11 -9.00 -4.99
O3 PGE K . 23.44 -10.25 -4.75
#